data_7CGL
#
_entry.id   7CGL
#
_cell.length_a   89.869
_cell.length_b   89.869
_cell.length_c   118.015
_cell.angle_alpha   90.000
_cell.angle_beta   90.000
_cell.angle_gamma   90.000
#
_symmetry.space_group_name_H-M   'P 41 21 2'
#
loop_
_entity.id
_entity.type
_entity.pdbx_description
1 polymer 'PUM-HD domain-containing protein'
2 polymer "PBE-5C (5'-R(P*UP*GP*UP*AP*CP*AP*UP*A)-3')"
3 non-polymer 'CHLORIDE ION'
4 water water
#
loop_
_entity_poly.entity_id
_entity_poly.type
_entity_poly.pdbx_seq_one_letter_code
_entity_poly.pdbx_strand_id
1 'polypeptide(L)'
;MGHHHHHHMTTDDLLTRYRANPAMMKNLKLSDIRGALLKFAKDQVGSRFIQQELASSKDRFEKDSIFDEVVSNADELVDD
IFGNYVVQKFFEYGEERHWARLVDAIIDRVPEYAFQMYACRVLQKALEKINEPLQIKILSQIRHVIHRCMKDQNGCRVVQ
KAIEKVSPQYVQFIVDTLLESSNTIYEMSVDPYGCRVVQRCLEHCSPSQTKPVIGQIHKRFDEIANNQYGNYVVQHVIEH
GSEEDRMVIVTRVSNNLFEFATHKYSSNVIEKCLEQGAVYHKSMIVGAACHHQEGSVPIVVQMMKDQYANYVVQKMFDQV
TSEQRRELILTVRPHIPVLRQFPHGKHILAKLEKYFQKPA
;
A
2 'polyribonucleotide' UGUACAUA B
#
loop_
_chem_comp.id
_chem_comp.type
_chem_comp.name
_chem_comp.formula
A RNA linking ADENOSINE-5'-MONOPHOSPHATE 'C10 H14 N5 O7 P'
C RNA linking CYTIDINE-5'-MONOPHOSPHATE 'C9 H14 N3 O8 P'
CL non-polymer 'CHLORIDE ION' 'Cl -1'
G RNA linking GUANOSINE-5'-MONOPHOSPHATE 'C10 H14 N5 O8 P'
U RNA linking URIDINE-5'-MONOPHOSPHATE 'C9 H13 N2 O9 P'
#
# COMPACT_ATOMS: atom_id res chain seq x y z
N ASP A 12 -36.19 33.62 1.31
CA ASP A 12 -35.33 32.50 1.72
C ASP A 12 -34.35 32.11 0.62
N ASP A 13 -33.15 31.68 1.01
CA ASP A 13 -32.16 31.30 0.02
C ASP A 13 -32.60 30.03 -0.69
N LEU A 14 -32.02 29.79 -1.86
CA LEU A 14 -32.48 28.68 -2.70
C LEU A 14 -32.30 27.33 -2.02
N LEU A 15 -31.28 27.18 -1.17
CA LEU A 15 -30.99 25.88 -0.57
C LEU A 15 -32.06 25.49 0.44
N THR A 16 -32.42 26.41 1.34
CA THR A 16 -33.50 26.14 2.28
C THR A 16 -34.79 25.83 1.54
N ARG A 17 -35.12 26.66 0.54
CA ARG A 17 -36.24 26.38 -0.34
C ARG A 17 -36.16 24.97 -0.91
N TYR A 18 -34.97 24.57 -1.36
CA TYR A 18 -34.83 23.27 -2.01
C TYR A 18 -34.91 22.13 -0.99
N ARG A 19 -34.19 22.26 0.12
CA ARG A 19 -34.25 21.23 1.16
C ARG A 19 -35.66 21.05 1.72
N ALA A 20 -36.45 22.14 1.75
CA ALA A 20 -37.81 22.13 2.27
C ALA A 20 -38.70 21.12 1.54
N ASN A 21 -39.02 21.38 0.27
CA ASN A 21 -39.78 20.46 -0.57
C ASN A 21 -38.93 20.04 -1.76
N PRO A 22 -38.18 18.93 -1.63
CA PRO A 22 -37.32 18.49 -2.75
C PRO A 22 -38.07 18.25 -4.04
N ALA A 23 -39.26 17.63 -3.98
CA ALA A 23 -39.97 17.30 -5.20
C ALA A 23 -40.65 18.51 -5.83
N MET A 24 -40.99 19.53 -5.03
CA MET A 24 -41.50 20.77 -5.60
C MET A 24 -40.48 21.45 -6.50
N MET A 25 -39.19 21.13 -6.33
CA MET A 25 -38.12 21.59 -7.21
C MET A 25 -37.51 20.36 -7.87
N LYS A 26 -38.13 19.90 -8.94
CA LYS A 26 -37.59 18.81 -9.75
C LYS A 26 -37.02 19.29 -11.07
N ASN A 27 -37.18 20.58 -11.39
CA ASN A 27 -36.61 21.21 -12.58
C ASN A 27 -35.49 22.17 -12.22
N LEU A 28 -34.91 21.99 -11.05
CA LEU A 28 -33.77 22.81 -10.65
C LEU A 28 -32.55 22.42 -11.46
N LYS A 29 -31.88 23.41 -12.04
CA LYS A 29 -30.71 23.17 -12.87
C LYS A 29 -29.48 23.83 -12.27
N LEU A 30 -28.32 23.41 -12.76
CA LEU A 30 -27.07 23.85 -12.19
C LEU A 30 -26.88 25.35 -12.39
N SER A 31 -27.32 25.85 -13.54
CA SER A 31 -27.28 27.27 -13.81
C SER A 31 -28.27 28.08 -12.99
N ASP A 32 -29.16 27.43 -12.22
CA ASP A 32 -29.98 28.14 -11.24
C ASP A 32 -29.24 28.39 -9.93
N ILE A 33 -28.08 27.76 -9.74
CA ILE A 33 -27.39 27.82 -8.46
C ILE A 33 -26.65 29.13 -8.29
N ARG A 34 -25.92 29.55 -9.32
CA ARG A 34 -25.19 30.82 -9.35
C ARG A 34 -24.45 31.13 -8.05
N GLY A 35 -24.89 32.15 -7.32
CA GLY A 35 -24.23 32.49 -6.08
C GLY A 35 -24.37 31.44 -4.99
N ALA A 36 -25.40 30.60 -5.07
CA ALA A 36 -25.65 29.64 -4.01
C ALA A 36 -24.66 28.44 -4.00
N LEU A 37 -23.66 28.42 -4.87
CA LEU A 37 -22.82 27.24 -5.04
C LEU A 37 -22.15 26.83 -3.74
N LEU A 38 -21.49 27.77 -3.06
CA LEU A 38 -20.72 27.45 -1.86
C LEU A 38 -21.60 26.83 -0.78
N LYS A 39 -22.78 27.39 -0.56
CA LYS A 39 -23.66 26.80 0.44
C LYS A 39 -24.21 25.45 -0.04
N PHE A 40 -24.48 25.33 -1.34
CA PHE A 40 -24.95 24.05 -1.85
C PHE A 40 -23.92 22.96 -1.66
N ALA A 41 -22.66 23.29 -1.96
CA ALA A 41 -21.63 22.26 -1.98
C ALA A 41 -21.27 21.81 -0.57
N LYS A 42 -21.42 22.68 0.43
CA LYS A 42 -21.14 22.35 1.82
C LYS A 42 -22.33 21.70 2.51
N ASP A 43 -23.41 21.45 1.78
CA ASP A 43 -24.61 20.88 2.36
C ASP A 43 -24.75 19.44 1.91
N GLN A 44 -25.20 18.59 2.82
CA GLN A 44 -25.35 17.17 2.50
C GLN A 44 -26.31 16.99 1.34
N VAL A 45 -27.51 17.55 1.45
CA VAL A 45 -28.48 17.47 0.35
C VAL A 45 -27.97 18.24 -0.86
N GLY A 46 -27.47 19.46 -0.65
CA GLY A 46 -27.06 20.28 -1.77
C GLY A 46 -25.92 19.67 -2.56
N SER A 47 -24.91 19.12 -1.88
CA SER A 47 -23.79 18.52 -2.56
C SER A 47 -24.23 17.32 -3.35
N ARG A 48 -25.15 16.54 -2.81
CA ARG A 48 -25.69 15.40 -3.55
C ARG A 48 -26.40 15.86 -4.82
N PHE A 49 -27.12 16.98 -4.75
CA PHE A 49 -27.77 17.51 -5.94
C PHE A 49 -26.75 17.86 -7.02
N ILE A 50 -25.74 18.66 -6.67
CA ILE A 50 -24.71 19.03 -7.64
C ILE A 50 -24.07 17.79 -8.25
N GLN A 51 -23.71 16.82 -7.40
CA GLN A 51 -23.05 15.61 -7.87
C GLN A 51 -23.87 14.89 -8.93
N GLN A 52 -25.14 14.59 -8.62
CA GLN A 52 -25.98 13.88 -9.57
C GLN A 52 -26.23 14.71 -10.82
N GLU A 53 -26.35 16.03 -10.69
CA GLU A 53 -26.46 16.91 -11.85
C GLU A 53 -25.20 16.83 -12.71
N LEU A 54 -24.04 16.92 -12.08
CA LEU A 54 -22.80 16.85 -12.86
C LEU A 54 -22.65 15.50 -13.58
N ALA A 55 -23.18 14.41 -13.00
CA ALA A 55 -23.01 13.09 -13.60
C ALA A 55 -24.06 12.81 -14.68
N SER A 56 -25.29 13.28 -14.48
CA SER A 56 -26.39 12.93 -15.37
C SER A 56 -26.62 13.95 -16.49
N SER A 57 -26.21 15.20 -16.31
CA SER A 57 -26.44 16.21 -17.33
C SER A 57 -25.63 15.93 -18.57
N LYS A 58 -26.25 16.12 -19.74
CA LYS A 58 -25.51 16.08 -21.00
C LYS A 58 -25.38 17.45 -21.62
N ASP A 59 -25.53 18.51 -20.82
CA ASP A 59 -25.34 19.89 -21.25
C ASP A 59 -24.00 20.36 -20.71
N ARG A 60 -23.03 20.52 -21.62
CA ARG A 60 -21.71 21.02 -21.23
C ARG A 60 -21.79 22.40 -20.57
N PHE A 61 -22.75 23.24 -20.97
CA PHE A 61 -22.78 24.62 -20.49
C PHE A 61 -23.38 24.74 -19.09
N GLU A 62 -24.41 23.96 -18.78
CA GLU A 62 -24.83 23.79 -17.39
C GLU A 62 -23.63 23.41 -16.51
N LYS A 63 -22.87 22.42 -16.94
CA LYS A 63 -21.76 21.95 -16.13
C LYS A 63 -20.73 23.04 -15.94
N ASP A 64 -20.44 23.82 -16.98
CA ASP A 64 -19.48 24.90 -16.83
C ASP A 64 -20.00 26.04 -15.97
N SER A 65 -21.31 26.17 -15.83
CA SER A 65 -21.87 27.34 -15.14
C SER A 65 -21.33 27.44 -13.72
N ILE A 66 -21.41 26.35 -12.94
CA ILE A 66 -20.95 26.41 -11.56
C ILE A 66 -19.44 26.40 -11.42
N PHE A 67 -18.67 26.27 -12.51
CA PHE A 67 -17.24 26.04 -12.37
C PHE A 67 -16.50 27.27 -11.86
N ASP A 68 -16.89 28.45 -12.33
CA ASP A 68 -16.28 29.69 -11.80
C ASP A 68 -16.44 29.76 -10.29
N GLU A 69 -17.59 29.32 -9.78
CA GLU A 69 -17.79 29.30 -8.34
C GLU A 69 -16.95 28.24 -7.68
N VAL A 70 -16.84 27.04 -8.28
CA VAL A 70 -16.00 26.01 -7.70
C VAL A 70 -14.57 26.50 -7.55
N VAL A 71 -14.02 27.08 -8.61
CA VAL A 71 -12.67 27.62 -8.55
C VAL A 71 -12.58 28.70 -7.48
N SER A 72 -13.55 29.61 -7.48
CA SER A 72 -13.52 30.75 -6.59
C SER A 72 -13.50 30.32 -5.13
N ASN A 73 -14.17 29.21 -4.81
CA ASN A 73 -14.33 28.73 -3.45
C ASN A 73 -13.51 27.49 -3.18
N ALA A 74 -12.55 27.20 -4.06
CA ALA A 74 -11.82 25.93 -3.99
C ALA A 74 -11.20 25.72 -2.62
N ASP A 75 -10.53 26.73 -2.08
CA ASP A 75 -9.88 26.54 -0.78
C ASP A 75 -10.90 26.11 0.27
N GLU A 76 -12.08 26.71 0.25
CA GLU A 76 -13.08 26.35 1.24
C GLU A 76 -13.69 24.98 0.97
N LEU A 77 -13.61 24.49 -0.27
CA LEU A 77 -14.33 23.28 -0.64
C LEU A 77 -13.49 22.01 -0.56
N VAL A 78 -12.18 22.08 -0.84
CA VAL A 78 -11.40 20.85 -0.98
C VAL A 78 -11.38 20.08 0.31
N ASP A 79 -11.41 20.74 1.48
CA ASP A 79 -11.39 20.02 2.73
C ASP A 79 -12.72 20.13 3.48
N ASP A 80 -13.81 20.14 2.73
CA ASP A 80 -15.12 20.04 3.34
C ASP A 80 -15.68 18.64 3.16
N ILE A 81 -16.32 18.13 4.22
CA ILE A 81 -16.87 16.79 4.23
C ILE A 81 -17.85 16.59 3.07
N PHE A 82 -18.54 17.64 2.65
CA PHE A 82 -19.45 17.47 1.53
C PHE A 82 -18.98 18.16 0.27
N GLY A 83 -18.19 19.22 0.37
CA GLY A 83 -17.72 19.92 -0.80
C GLY A 83 -16.63 19.21 -1.59
N ASN A 84 -15.86 18.33 -0.94
CA ASN A 84 -14.72 17.76 -1.65
C ASN A 84 -15.18 16.94 -2.85
N TYR A 85 -16.37 16.32 -2.76
CA TYR A 85 -16.91 15.57 -3.88
C TYR A 85 -17.22 16.47 -5.07
N VAL A 86 -17.67 17.71 -4.82
CA VAL A 86 -17.99 18.61 -5.92
C VAL A 86 -16.71 18.99 -6.69
N VAL A 87 -15.63 19.29 -5.95
CA VAL A 87 -14.35 19.55 -6.59
C VAL A 87 -13.83 18.33 -7.34
N GLN A 88 -14.02 17.14 -6.78
CA GLN A 88 -13.56 15.92 -7.44
C GLN A 88 -14.25 15.69 -8.78
N LYS A 89 -15.52 16.10 -8.89
CA LYS A 89 -16.24 15.87 -10.15
C LYS A 89 -15.52 16.50 -11.32
N PHE A 90 -14.87 17.65 -11.10
CA PHE A 90 -14.18 18.35 -12.18
C PHE A 90 -12.76 17.84 -12.43
N PHE A 91 -12.30 16.82 -11.71
CA PHE A 91 -11.07 16.15 -12.11
C PHE A 91 -11.34 14.88 -12.90
N GLU A 92 -12.60 14.58 -13.20
CA GLU A 92 -12.91 13.33 -13.89
C GLU A 92 -12.60 13.43 -15.38
N TYR A 93 -12.39 12.27 -16.00
CA TYR A 93 -12.39 12.20 -17.46
C TYR A 93 -13.66 12.85 -17.96
N GLY A 94 -13.59 13.57 -19.07
CA GLY A 94 -14.77 14.24 -19.58
C GLY A 94 -15.00 15.63 -19.01
N GLU A 95 -14.24 16.00 -17.97
CA GLU A 95 -14.12 17.39 -17.56
C GLU A 95 -12.72 17.90 -17.81
N GLU A 96 -12.00 17.22 -18.70
CA GLU A 96 -10.60 17.49 -18.96
C GLU A 96 -10.34 18.96 -19.26
N ARG A 97 -11.29 19.64 -19.93
CA ARG A 97 -11.11 21.04 -20.31
C ARG A 97 -10.92 21.97 -19.12
N HIS A 98 -11.12 21.45 -17.90
CA HIS A 98 -11.03 22.21 -16.66
C HIS A 98 -9.83 21.86 -15.81
N TRP A 99 -9.18 20.72 -16.06
CA TRP A 99 -8.14 20.23 -15.17
C TRP A 99 -7.12 21.31 -14.86
N ALA A 100 -6.65 22.02 -15.88
CA ALA A 100 -5.54 22.95 -15.69
C ALA A 100 -5.92 24.08 -14.75
N ARG A 101 -7.09 24.69 -14.93
CA ARG A 101 -7.39 25.83 -14.09
C ARG A 101 -7.90 25.41 -12.72
N LEU A 102 -8.50 24.22 -12.61
CA LEU A 102 -8.73 23.68 -11.27
C LEU A 102 -7.41 23.48 -10.53
N VAL A 103 -6.38 22.97 -11.21
CA VAL A 103 -5.09 22.76 -10.56
C VAL A 103 -4.51 24.08 -10.07
N ASP A 104 -4.58 25.13 -10.89
CA ASP A 104 -4.07 26.44 -10.49
C ASP A 104 -4.78 26.99 -9.27
N ALA A 105 -6.05 26.62 -9.07
CA ALA A 105 -6.80 27.11 -7.93
C ALA A 105 -6.41 26.44 -6.63
N ILE A 106 -5.81 25.26 -6.67
CA ILE A 106 -5.44 24.55 -5.46
C ILE A 106 -3.94 24.41 -5.30
N ILE A 107 -3.14 24.88 -6.26
CA ILE A 107 -1.74 24.47 -6.29
C ILE A 107 -0.99 25.00 -5.08
N ASP A 108 -1.27 26.23 -4.65
CA ASP A 108 -0.39 26.86 -3.68
C ASP A 108 -0.57 26.27 -2.30
N ARG A 109 -1.67 25.58 -2.06
CA ARG A 109 -1.94 24.98 -0.76
C ARG A 109 -1.85 23.47 -0.75
N VAL A 110 -1.36 22.86 -1.83
CA VAL A 110 -1.11 21.42 -1.92
C VAL A 110 -0.28 20.94 -0.73
N PRO A 111 0.79 21.64 -0.34
CA PRO A 111 1.54 21.18 0.84
C PRO A 111 0.66 20.97 2.05
N GLU A 112 -0.34 21.82 2.23
CA GLU A 112 -1.28 21.65 3.34
C GLU A 112 -2.34 20.62 3.01
N TYR A 113 -2.91 20.68 1.80
CA TYR A 113 -4.03 19.81 1.45
C TYR A 113 -3.67 18.34 1.59
N ALA A 114 -2.40 17.99 1.36
CA ALA A 114 -1.99 16.59 1.36
C ALA A 114 -2.22 15.90 2.70
N PHE A 115 -2.18 16.66 3.79
CA PHE A 115 -2.34 16.10 5.14
C PHE A 115 -3.79 15.99 5.59
N GLN A 116 -4.73 16.54 4.84
CA GLN A 116 -6.09 16.68 5.35
C GLN A 116 -6.96 15.56 4.83
N MET A 117 -7.89 15.11 5.65
CA MET A 117 -8.56 13.86 5.33
C MET A 117 -9.48 14.00 4.12
N TYR A 118 -10.04 15.19 3.89
CA TYR A 118 -10.91 15.39 2.74
C TYR A 118 -10.13 15.93 1.54
N ALA A 119 -9.35 17.00 1.75
CA ALA A 119 -8.53 17.52 0.66
C ALA A 119 -7.62 16.46 0.05
N CYS A 120 -7.07 15.53 0.87
CA CYS A 120 -6.17 14.56 0.25
C CYS A 120 -6.88 13.64 -0.73
N ARG A 121 -8.21 13.49 -0.62
CA ARG A 121 -8.94 12.69 -1.60
C ARG A 121 -9.04 13.45 -2.93
N VAL A 122 -9.07 14.78 -2.87
CA VAL A 122 -9.04 15.59 -4.08
C VAL A 122 -7.71 15.42 -4.80
N LEU A 123 -6.60 15.49 -4.05
CA LEU A 123 -5.29 15.34 -4.64
C LEU A 123 -5.14 13.97 -5.28
N GLN A 124 -5.72 12.93 -4.66
CA GLN A 124 -5.59 11.57 -5.19
C GLN A 124 -6.40 11.40 -6.47
N LYS A 125 -7.62 11.94 -6.50
CA LYS A 125 -8.42 11.85 -7.73
C LYS A 125 -7.72 12.60 -8.87
N ALA A 126 -7.14 13.75 -8.57
CA ALA A 126 -6.42 14.50 -9.60
C ALA A 126 -5.23 13.69 -10.12
N LEU A 127 -4.46 13.08 -9.22
CA LEU A 127 -3.34 12.27 -9.68
C LEU A 127 -3.83 11.07 -10.50
N GLU A 128 -5.01 10.55 -10.19
CA GLU A 128 -5.62 9.45 -10.95
C GLU A 128 -5.98 9.86 -12.37
N LYS A 129 -6.28 11.11 -12.62
CA LYS A 129 -6.90 11.43 -13.90
C LYS A 129 -6.08 12.34 -14.80
N ILE A 130 -5.30 13.25 -14.26
CA ILE A 130 -4.84 14.35 -15.08
C ILE A 130 -3.57 13.94 -15.84
N ASN A 131 -3.28 14.70 -16.89
CA ASN A 131 -2.12 14.40 -17.70
C ASN A 131 -0.85 14.69 -16.92
N GLU A 132 0.24 14.11 -17.42
CA GLU A 132 1.49 14.11 -16.68
C GLU A 132 2.02 15.51 -16.38
N PRO A 133 2.00 16.49 -17.30
CA PRO A 133 2.41 17.85 -16.92
C PRO A 133 1.74 18.37 -15.66
N LEU A 134 0.43 18.15 -15.50
CA LEU A 134 -0.23 18.60 -14.27
C LEU A 134 0.14 17.73 -13.07
N GLN A 135 0.30 16.42 -13.26
CA GLN A 135 0.81 15.57 -12.18
C GLN A 135 2.12 16.10 -11.65
N ILE A 136 2.99 16.55 -12.55
CA ILE A 136 4.30 17.05 -12.16
C ILE A 136 4.16 18.35 -11.39
N LYS A 137 3.26 19.23 -11.83
CA LYS A 137 3.02 20.47 -11.11
C LYS A 137 2.58 20.19 -9.67
N ILE A 138 1.69 19.21 -9.48
CA ILE A 138 1.27 18.82 -8.14
C ILE A 138 2.44 18.22 -7.35
N LEU A 139 3.27 17.40 -8.00
CA LEU A 139 4.40 16.80 -7.28
C LEU A 139 5.39 17.86 -6.81
N SER A 140 5.56 18.94 -7.58
CA SER A 140 6.50 20.00 -7.20
C SER A 140 6.13 20.64 -5.86
N GLN A 141 4.87 20.56 -5.49
CA GLN A 141 4.48 21.08 -4.20
C GLN A 141 4.69 20.03 -3.14
N ILE A 142 4.37 18.78 -3.47
CA ILE A 142 4.64 17.68 -2.55
C ILE A 142 6.10 17.67 -2.15
N ARG A 143 7.02 18.05 -3.06
CA ARG A 143 8.46 18.02 -2.77
C ARG A 143 8.81 18.77 -1.50
N HIS A 144 8.04 19.80 -1.16
CA HIS A 144 8.38 20.66 -0.03
C HIS A 144 8.12 20.01 1.32
N VAL A 145 7.32 18.95 1.34
CA VAL A 145 6.85 18.37 2.59
C VAL A 145 6.91 16.86 2.45
N ILE A 146 7.78 16.36 1.56
CA ILE A 146 7.65 14.97 1.15
C ILE A 146 7.93 14.04 2.33
N HIS A 147 8.98 14.33 3.12
CA HIS A 147 9.36 13.37 4.16
C HIS A 147 8.26 13.23 5.21
N ARG A 148 7.71 14.36 5.65
CA ARG A 148 6.62 14.29 6.63
C ARG A 148 5.38 13.68 5.99
N CYS A 149 5.17 13.94 4.71
CA CYS A 149 4.03 13.40 3.99
C CYS A 149 4.03 11.88 3.96
N MET A 150 5.22 11.27 3.83
CA MET A 150 5.27 9.83 3.68
C MET A 150 4.92 9.09 4.97
N LYS A 151 5.07 9.74 6.12
CA LYS A 151 4.73 9.14 7.41
C LYS A 151 3.36 9.58 7.89
N ASP A 152 2.54 10.15 7.01
CA ASP A 152 1.24 10.69 7.39
C ASP A 152 0.12 9.80 6.90
N GLN A 153 -0.89 9.60 7.76
CA GLN A 153 -2.05 8.78 7.42
C GLN A 153 -2.70 9.26 6.12
N ASN A 154 -2.80 10.57 5.94
CA ASN A 154 -3.31 11.12 4.70
C ASN A 154 -2.21 11.32 3.65
N GLY A 155 -1.07 11.87 4.08
CA GLY A 155 -0.03 12.23 3.14
C GLY A 155 0.48 11.05 2.33
N CYS A 156 0.59 9.88 2.97
CA CYS A 156 1.15 8.73 2.28
C CYS A 156 0.23 8.19 1.21
N ARG A 157 -1.07 8.44 1.31
CA ARG A 157 -1.96 8.02 0.23
C ARG A 157 -1.71 8.85 -1.02
N VAL A 158 -1.38 10.14 -0.87
CA VAL A 158 -1.06 10.96 -2.04
C VAL A 158 0.26 10.51 -2.65
N VAL A 159 1.24 10.18 -1.78
CA VAL A 159 2.53 9.70 -2.25
C VAL A 159 2.39 8.36 -2.96
N GLN A 160 1.69 7.40 -2.35
CA GLN A 160 1.43 6.13 -3.03
C GLN A 160 0.79 6.37 -4.39
N LYS A 161 -0.22 7.23 -4.46
CA LYS A 161 -0.89 7.50 -5.74
C LYS A 161 0.09 8.08 -6.76
N ALA A 162 0.92 9.06 -6.36
CA ALA A 162 1.95 9.56 -7.24
C ALA A 162 2.77 8.41 -7.83
N ILE A 163 3.25 7.52 -6.97
CA ILE A 163 4.13 6.45 -7.41
C ILE A 163 3.41 5.53 -8.39
N GLU A 164 2.12 5.29 -8.16
CA GLU A 164 1.36 4.39 -9.02
C GLU A 164 1.04 5.00 -10.39
N LYS A 165 1.00 6.33 -10.51
CA LYS A 165 0.40 6.96 -11.68
C LYS A 165 1.35 7.84 -12.48
N VAL A 166 2.47 8.22 -11.93
CA VAL A 166 3.41 9.09 -12.60
C VAL A 166 4.60 8.27 -13.08
N SER A 167 5.13 8.61 -14.24
CA SER A 167 6.30 7.92 -14.76
C SER A 167 7.38 7.83 -13.70
N PRO A 168 8.00 6.66 -13.52
CA PRO A 168 9.08 6.48 -12.53
C PRO A 168 10.12 7.57 -12.43
N GLN A 169 10.50 8.19 -13.55
CA GLN A 169 11.58 9.18 -13.49
C GLN A 169 11.18 10.44 -12.74
N TYR A 170 9.88 10.77 -12.69
CA TYR A 170 9.44 11.99 -12.04
C TYR A 170 9.12 11.79 -10.55
N VAL A 171 9.29 10.59 -10.02
CA VAL A 171 9.26 10.40 -8.57
C VAL A 171 10.66 10.06 -8.02
N GLN A 172 11.73 10.44 -8.74
CA GLN A 172 13.07 10.20 -8.21
C GLN A 172 13.28 11.00 -6.93
N PHE A 173 12.59 12.12 -6.77
CA PHE A 173 12.75 12.90 -5.55
C PHE A 173 12.18 12.16 -4.35
N ILE A 174 11.25 11.25 -4.57
CA ILE A 174 10.72 10.45 -3.47
C ILE A 174 11.71 9.38 -3.07
N VAL A 175 12.34 8.74 -4.06
CA VAL A 175 13.40 7.77 -3.80
C VAL A 175 14.59 8.43 -3.12
N ASP A 176 14.96 9.65 -3.54
CA ASP A 176 16.07 10.33 -2.89
C ASP A 176 15.73 10.77 -1.47
N THR A 177 14.43 10.84 -1.14
CA THR A 177 14.02 11.03 0.26
C THR A 177 14.21 9.75 1.06
N LEU A 178 13.70 8.63 0.55
CA LEU A 178 14.03 7.34 1.15
C LEU A 178 15.55 7.19 1.37
N LEU A 179 16.38 7.87 0.56
CA LEU A 179 17.82 7.74 0.72
C LEU A 179 18.46 9.00 1.33
N GLU A 180 17.67 9.91 1.89
CA GLU A 180 18.24 11.19 2.30
C GLU A 180 19.32 11.02 3.39
N SER A 181 19.12 10.10 4.32
CA SER A 181 20.16 9.83 5.31
C SER A 181 20.21 8.31 5.56
N SER A 182 21.18 7.88 6.38
CA SER A 182 21.42 6.45 6.56
C SER A 182 20.18 5.72 7.05
N ASN A 183 19.47 6.29 8.01
CA ASN A 183 18.48 5.53 8.74
C ASN A 183 17.07 5.72 8.21
N THR A 184 16.92 6.42 7.07
CA THR A 184 15.59 6.82 6.60
C THR A 184 14.80 5.63 6.11
N ILE A 185 15.44 4.76 5.31
CA ILE A 185 14.78 3.54 4.86
C ILE A 185 14.34 2.72 6.06
N TYR A 186 15.17 2.64 7.08
CA TYR A 186 14.75 1.92 8.27
C TYR A 186 13.57 2.63 8.92
N GLU A 187 13.70 3.96 9.10
CA GLU A 187 12.65 4.77 9.71
C GLU A 187 11.32 4.63 8.99
N MET A 188 11.34 4.61 7.65
CA MET A 188 10.11 4.49 6.88
C MET A 188 9.56 3.07 6.93
N SER A 189 10.43 2.07 6.78
CA SER A 189 9.98 0.68 6.74
C SER A 189 9.33 0.24 8.04
N VAL A 190 9.65 0.88 9.16
CA VAL A 190 9.07 0.50 10.45
C VAL A 190 7.92 1.44 10.84
N ASP A 191 7.53 2.41 9.93
CA ASP A 191 6.39 3.31 10.05
C ASP A 191 5.15 2.67 9.43
N PRO A 192 4.00 2.76 10.11
CA PRO A 192 2.77 2.18 9.51
C PRO A 192 2.42 2.78 8.18
N TYR A 193 2.75 4.05 7.95
CA TYR A 193 2.48 4.71 6.69
C TYR A 193 3.71 4.79 5.78
N GLY A 194 4.89 5.02 6.34
CA GLY A 194 6.08 5.03 5.51
C GLY A 194 6.32 3.71 4.79
N CYS A 195 5.90 2.59 5.41
CA CYS A 195 6.17 1.31 4.77
C CYS A 195 5.37 1.13 3.48
N ARG A 196 4.14 1.66 3.44
CA ARG A 196 3.37 1.62 2.20
C ARG A 196 4.09 2.37 1.09
N VAL A 197 4.79 3.44 1.44
CA VAL A 197 5.51 4.18 0.43
C VAL A 197 6.66 3.34 -0.11
N VAL A 198 7.43 2.70 0.78
CA VAL A 198 8.52 1.83 0.32
C VAL A 198 7.99 0.71 -0.57
N GLN A 199 6.87 0.09 -0.19
CA GLN A 199 6.31 -0.97 -1.02
C GLN A 199 5.97 -0.48 -2.42
N ARG A 200 5.23 0.64 -2.53
CA ARG A 200 4.87 1.13 -3.86
C ARG A 200 6.12 1.39 -4.68
N CYS A 201 7.14 1.98 -4.05
CA CYS A 201 8.43 2.17 -4.70
CA CYS A 201 8.41 2.17 -4.74
C CYS A 201 8.94 0.85 -5.28
N LEU A 202 8.92 -0.21 -4.49
CA LEU A 202 9.42 -1.50 -4.97
C LEU A 202 8.58 -2.05 -6.11
N GLU A 203 7.29 -1.73 -6.14
CA GLU A 203 6.41 -2.21 -7.20
C GLU A 203 6.64 -1.47 -8.50
N HIS A 204 6.89 -0.17 -8.45
CA HIS A 204 6.72 0.68 -9.63
C HIS A 204 7.97 1.40 -10.09
N CYS A 205 9.04 1.40 -9.31
CA CYS A 205 10.22 2.14 -9.73
C CYS A 205 11.12 1.24 -10.57
N SER A 206 12.01 1.88 -11.31
CA SER A 206 12.93 1.14 -12.15
C SER A 206 13.93 0.39 -11.27
N PRO A 207 14.53 -0.69 -11.78
CA PRO A 207 15.54 -1.39 -10.97
C PRO A 207 16.74 -0.52 -10.68
N SER A 208 17.14 0.30 -11.65
CA SER A 208 18.03 1.43 -11.37
C SER A 208 17.67 2.15 -10.08
N GLN A 209 16.39 2.47 -9.87
CA GLN A 209 16.02 3.23 -8.69
C GLN A 209 15.87 2.36 -7.44
N THR A 210 15.40 1.13 -7.60
CA THR A 210 15.11 0.35 -6.40
C THR A 210 16.34 -0.30 -5.81
N LYS A 211 17.42 -0.42 -6.57
CA LYS A 211 18.58 -1.16 -6.06
C LYS A 211 19.23 -0.49 -4.86
N PRO A 212 19.54 0.82 -4.89
CA PRO A 212 20.04 1.47 -3.66
C PRO A 212 19.06 1.37 -2.50
N VAL A 213 17.76 1.36 -2.79
CA VAL A 213 16.75 1.28 -1.74
C VAL A 213 16.78 -0.09 -1.11
N ILE A 214 16.77 -1.13 -1.94
CA ILE A 214 16.90 -2.50 -1.44
C ILE A 214 18.23 -2.67 -0.72
N GLY A 215 19.30 -2.08 -1.25
CA GLY A 215 20.56 -2.12 -0.54
C GLY A 215 20.44 -1.63 0.89
N GLN A 216 19.81 -0.46 1.07
CA GLN A 216 19.64 0.08 2.41
C GLN A 216 18.83 -0.88 3.29
N ILE A 217 17.81 -1.53 2.71
CA ILE A 217 17.02 -2.50 3.46
C ILE A 217 17.88 -3.68 3.93
N HIS A 218 18.79 -4.18 3.07
CA HIS A 218 19.67 -5.30 3.45
C HIS A 218 20.55 -4.95 4.64
N LYS A 219 21.06 -3.72 4.71
CA LYS A 219 22.04 -3.39 5.76
C LYS A 219 21.45 -3.63 7.15
N ARG A 220 20.17 -3.33 7.34
CA ARG A 220 19.52 -3.65 8.62
C ARG A 220 18.38 -4.68 8.47
N PHE A 221 18.68 -5.79 7.79
CA PHE A 221 17.65 -6.76 7.40
C PHE A 221 16.97 -7.42 8.60
N ASP A 222 17.75 -7.89 9.57
CA ASP A 222 17.15 -8.65 10.67
C ASP A 222 16.09 -7.80 11.39
N GLU A 223 16.45 -6.56 11.72
CA GLU A 223 15.53 -5.64 12.38
C GLU A 223 14.26 -5.43 11.56
N ILE A 224 14.41 -5.06 10.28
CA ILE A 224 13.26 -4.78 9.43
C ILE A 224 12.42 -6.05 9.23
N ALA A 225 13.06 -7.21 9.08
CA ALA A 225 12.31 -8.42 8.83
C ALA A 225 11.41 -8.81 10.01
N ASN A 226 11.84 -8.56 11.24
CA ASN A 226 10.95 -8.94 12.34
C ASN A 226 10.09 -7.79 12.85
N ASN A 227 10.02 -6.68 12.12
CA ASN A 227 9.17 -5.59 12.53
C ASN A 227 7.75 -5.77 12.00
N GLN A 228 6.77 -5.26 12.76
CA GLN A 228 5.35 -5.40 12.40
C GLN A 228 5.04 -4.76 11.05
N TYR A 229 5.78 -3.72 10.67
CA TYR A 229 5.61 -3.18 9.32
C TYR A 229 6.75 -3.52 8.38
N GLY A 230 7.99 -3.66 8.91
CA GLY A 230 9.10 -3.99 8.03
C GLY A 230 8.95 -5.34 7.34
N ASN A 231 8.35 -6.33 8.03
CA ASN A 231 8.18 -7.64 7.42
C ASN A 231 7.38 -7.57 6.12
N TYR A 232 6.43 -6.63 6.01
CA TYR A 232 5.81 -6.42 4.70
C TYR A 232 6.76 -5.77 3.71
N VAL A 233 7.78 -5.03 4.16
CA VAL A 233 8.70 -4.45 3.19
C VAL A 233 9.63 -5.52 2.64
N VAL A 234 10.10 -6.40 3.51
CA VAL A 234 10.98 -7.47 3.07
C VAL A 234 10.25 -8.41 2.14
N GLN A 235 8.99 -8.71 2.45
CA GLN A 235 8.20 -9.53 1.54
C GLN A 235 8.16 -8.90 0.16
N HIS A 236 8.00 -7.57 0.09
CA HIS A 236 7.97 -6.91 -1.20
C HIS A 236 9.33 -7.01 -1.90
N VAL A 237 10.43 -6.95 -1.14
CA VAL A 237 11.75 -7.13 -1.73
C VAL A 237 11.87 -8.53 -2.33
N ILE A 238 11.33 -9.52 -1.62
CA ILE A 238 11.37 -10.88 -2.15
C ILE A 238 10.60 -10.97 -3.46
N GLU A 239 9.41 -10.37 -3.50
CA GLU A 239 8.61 -10.49 -4.70
C GLU A 239 9.11 -9.60 -5.84
N HIS A 240 9.77 -8.46 -5.53
CA HIS A 240 10.06 -7.44 -6.54
C HIS A 240 11.54 -7.15 -6.77
N GLY A 241 12.43 -7.59 -5.89
CA GLY A 241 13.84 -7.39 -6.09
C GLY A 241 14.44 -8.36 -7.10
N SER A 242 15.76 -8.40 -7.11
CA SER A 242 16.50 -9.18 -8.08
C SER A 242 16.75 -10.60 -7.56
N GLU A 243 17.24 -11.44 -8.47
CA GLU A 243 17.65 -12.78 -8.10
C GLU A 243 18.69 -12.75 -6.99
N GLU A 244 19.67 -11.85 -7.07
CA GLU A 244 20.67 -11.79 -6.00
C GLU A 244 20.03 -11.39 -4.68
N ASP A 245 19.04 -10.51 -4.72
CA ASP A 245 18.30 -10.16 -3.50
C ASP A 245 17.66 -11.40 -2.89
N ARG A 246 16.88 -12.13 -3.69
CA ARG A 246 16.26 -13.36 -3.18
C ARG A 246 17.33 -14.30 -2.63
N MET A 247 18.46 -14.42 -3.34
CA MET A 247 19.57 -15.26 -2.91
C MET A 247 20.13 -14.81 -1.57
N VAL A 248 20.44 -13.51 -1.44
CA VAL A 248 20.98 -13.02 -0.18
C VAL A 248 19.99 -13.28 0.95
N ILE A 249 18.70 -13.17 0.66
CA ILE A 249 17.70 -13.25 1.72
C ILE A 249 17.49 -14.69 2.17
N VAL A 250 17.20 -15.57 1.21
CA VAL A 250 17.14 -17.01 1.48
C VAL A 250 18.38 -17.49 2.24
N THR A 251 19.56 -17.05 1.81
CA THR A 251 20.80 -17.49 2.47
C THR A 251 20.82 -17.06 3.92
N ARG A 252 20.52 -15.81 4.17
CA ARG A 252 20.47 -15.34 5.55
C ARG A 252 19.35 -16.04 6.32
N VAL A 253 18.23 -16.31 5.65
CA VAL A 253 17.12 -16.93 6.35
C VAL A 253 17.46 -18.36 6.72
N SER A 254 18.15 -19.08 5.83
CA SER A 254 18.49 -20.49 6.07
C SER A 254 19.52 -20.64 7.17
N ASN A 255 20.52 -19.75 7.21
CA ASN A 255 21.54 -19.83 8.26
C ASN A 255 20.97 -19.53 9.63
N ASN A 256 19.80 -18.91 9.70
CA ASN A 256 19.19 -18.51 10.97
C ASN A 256 17.74 -18.93 10.99
N LEU A 257 17.48 -20.17 10.56
CA LEU A 257 16.12 -20.56 10.23
C LEU A 257 15.24 -20.62 11.47
N PHE A 258 15.76 -21.12 12.58
CA PHE A 258 14.92 -21.28 13.75
C PHE A 258 14.55 -19.93 14.36
N GLU A 259 15.51 -19.01 14.44
CA GLU A 259 15.21 -17.69 14.99
C GLU A 259 14.24 -16.92 14.12
N PHE A 260 14.31 -17.07 12.79
CA PHE A 260 13.36 -16.33 11.95
C PHE A 260 11.97 -16.93 12.02
N ALA A 261 11.86 -18.26 12.09
CA ALA A 261 10.56 -18.90 11.99
C ALA A 261 9.78 -18.84 13.30
N THR A 262 10.45 -18.71 14.43
CA THR A 262 9.75 -18.73 15.72
C THR A 262 9.36 -17.33 16.20
N HIS A 263 9.52 -16.30 15.36
CA HIS A 263 9.10 -14.94 15.70
C HIS A 263 7.93 -14.51 14.84
N LYS A 264 7.09 -13.65 15.44
CA LYS A 264 5.75 -13.40 14.91
C LYS A 264 5.81 -12.81 13.51
N TYR A 265 6.66 -11.81 13.31
CA TYR A 265 6.66 -11.13 12.03
C TYR A 265 7.60 -11.76 11.02
N SER A 266 8.84 -12.10 11.42
CA SER A 266 9.78 -12.67 10.45
C SER A 266 9.35 -14.03 9.94
N SER A 267 8.45 -14.74 10.64
CA SER A 267 7.98 -16.02 10.13
C SER A 267 7.28 -15.84 8.80
N ASN A 268 6.53 -14.75 8.63
CA ASN A 268 5.86 -14.52 7.35
C ASN A 268 6.87 -14.32 6.23
N VAL A 269 8.07 -13.84 6.55
CA VAL A 269 9.09 -13.65 5.52
C VAL A 269 9.56 -14.99 4.95
N ILE A 270 9.74 -16.00 5.81
CA ILE A 270 10.11 -17.33 5.32
C ILE A 270 9.00 -17.90 4.45
N GLU A 271 7.75 -17.72 4.90
CA GLU A 271 6.62 -18.14 4.07
C GLU A 271 6.72 -17.49 2.70
N LYS A 272 7.10 -16.22 2.66
CA LYS A 272 7.18 -15.54 1.38
C LYS A 272 8.31 -16.10 0.51
N CYS A 273 9.46 -16.42 1.12
CA CYS A 273 10.52 -17.09 0.36
C CYS A 273 10.03 -18.42 -0.24
N LEU A 274 9.29 -19.20 0.54
CA LEU A 274 8.81 -20.47 0.04
C LEU A 274 7.83 -20.31 -1.12
N GLU A 275 7.03 -19.22 -1.12
CA GLU A 275 6.03 -19.01 -2.17
C GLU A 275 6.64 -18.42 -3.44
N GLN A 276 7.70 -17.62 -3.33
CA GLN A 276 8.31 -16.94 -4.47
C GLN A 276 9.64 -17.53 -4.89
N GLY A 277 10.19 -18.48 -4.14
CA GLY A 277 11.52 -18.94 -4.41
C GLY A 277 11.56 -19.97 -5.53
N ALA A 278 12.64 -19.91 -6.31
CA ALA A 278 12.98 -20.97 -7.23
C ALA A 278 13.28 -22.25 -6.44
N VAL A 279 13.39 -23.37 -7.16
CA VAL A 279 13.55 -24.65 -6.50
C VAL A 279 14.83 -24.67 -5.68
N TYR A 280 15.89 -24.03 -6.17
CA TYR A 280 17.15 -24.12 -5.44
C TYR A 280 17.14 -23.30 -4.16
N HIS A 281 16.33 -22.25 -4.07
CA HIS A 281 16.13 -21.57 -2.79
C HIS A 281 15.34 -22.44 -1.83
N LYS A 282 14.24 -23.04 -2.30
CA LYS A 282 13.50 -23.95 -1.44
C LYS A 282 14.42 -25.04 -0.87
N SER A 283 15.29 -25.60 -1.71
CA SER A 283 16.21 -26.61 -1.25
C SER A 283 17.07 -26.12 -0.09
N MET A 284 17.59 -24.89 -0.18
CA MET A 284 18.37 -24.33 0.91
C MET A 284 17.57 -24.31 2.22
N ILE A 285 16.28 -24.01 2.15
CA ILE A 285 15.46 -23.92 3.36
C ILE A 285 15.10 -25.31 3.89
N VAL A 286 14.75 -26.25 3.00
CA VAL A 286 14.51 -27.62 3.42
C VAL A 286 15.76 -28.20 4.07
N GLY A 287 16.93 -27.97 3.45
CA GLY A 287 18.16 -28.53 3.97
C GLY A 287 18.51 -27.99 5.35
N ALA A 288 18.32 -26.68 5.55
CA ALA A 288 18.55 -26.12 6.87
C ALA A 288 17.59 -26.72 7.90
N ALA A 289 16.36 -27.00 7.48
CA ALA A 289 15.36 -27.52 8.41
C ALA A 289 15.59 -28.98 8.76
N CYS A 290 16.20 -29.77 7.87
CA CYS A 290 16.41 -31.20 8.12
C CYS A 290 17.84 -31.50 8.56
N HIS A 291 18.59 -30.52 9.04
CA HIS A 291 19.98 -30.72 9.38
C HIS A 291 20.14 -31.39 10.75
N HIS A 292 21.07 -32.34 10.83
CA HIS A 292 21.35 -33.19 11.98
C HIS A 292 21.40 -32.44 13.31
N GLN A 293 22.43 -31.62 13.50
CA GLN A 293 22.69 -30.98 14.79
C GLN A 293 22.73 -32.03 15.91
N GLU A 294 23.76 -32.88 15.82
CA GLU A 294 23.94 -34.00 16.76
C GLU A 294 23.90 -33.51 18.20
N GLY A 295 22.82 -33.83 18.91
CA GLY A 295 22.61 -33.32 20.25
C GLY A 295 21.29 -32.58 20.37
N SER A 296 20.45 -32.70 19.36
CA SER A 296 19.18 -31.99 19.35
C SER A 296 18.32 -32.58 18.24
N VAL A 297 17.01 -32.42 18.40
CA VAL A 297 16.03 -32.77 17.38
C VAL A 297 16.28 -31.89 16.15
N PRO A 298 16.00 -32.38 14.94
CA PRO A 298 16.15 -31.51 13.77
C PRO A 298 15.26 -30.27 13.87
N ILE A 299 15.75 -29.19 13.26
CA ILE A 299 15.07 -27.90 13.27
C ILE A 299 13.60 -28.04 12.91
N VAL A 300 13.30 -28.77 11.83
CA VAL A 300 11.91 -28.87 11.37
C VAL A 300 11.01 -29.43 12.47
N VAL A 301 11.52 -30.35 13.28
CA VAL A 301 10.70 -30.91 14.36
C VAL A 301 10.45 -29.86 15.43
N GLN A 302 11.49 -29.15 15.85
CA GLN A 302 11.32 -28.06 16.81
C GLN A 302 10.37 -27.00 16.29
N MET A 303 10.32 -26.81 14.97
CA MET A 303 9.48 -25.79 14.38
C MET A 303 8.01 -26.16 14.45
N MET A 304 7.69 -27.44 14.48
CA MET A 304 6.27 -27.79 14.59
C MET A 304 5.75 -27.72 16.02
N LYS A 305 6.62 -27.47 16.99
CA LYS A 305 6.20 -27.27 18.38
C LYS A 305 5.97 -25.81 18.71
N ASP A 306 6.02 -24.92 17.72
CA ASP A 306 6.12 -23.49 17.95
C ASP A 306 4.92 -22.77 17.37
N GLN A 307 4.45 -21.74 18.10
CA GLN A 307 3.19 -21.06 17.75
C GLN A 307 3.23 -20.47 16.34
N TYR A 308 4.34 -19.87 15.95
CA TYR A 308 4.49 -19.30 14.62
C TYR A 308 5.16 -20.25 13.64
N ALA A 309 6.25 -20.90 14.05
CA ALA A 309 7.02 -21.72 13.13
C ALA A 309 6.22 -22.88 12.55
N ASN A 310 5.18 -23.33 13.23
CA ASN A 310 4.43 -24.48 12.71
C ASN A 310 3.73 -24.13 11.41
N TYR A 311 3.36 -22.86 11.22
CA TYR A 311 2.82 -22.45 9.92
C TYR A 311 3.90 -22.49 8.83
N VAL A 312 5.15 -22.19 9.20
CA VAL A 312 6.25 -22.22 8.24
C VAL A 312 6.47 -23.64 7.71
N VAL A 313 6.38 -24.62 8.61
CA VAL A 313 6.58 -26.01 8.22
C VAL A 313 5.48 -26.47 7.31
N GLN A 314 4.24 -26.09 7.63
CA GLN A 314 3.13 -26.37 6.74
C GLN A 314 3.36 -25.75 5.35
N LYS A 315 3.87 -24.52 5.31
CA LYS A 315 4.10 -23.88 4.03
C LYS A 315 5.21 -24.60 3.25
N MET A 316 6.24 -25.07 3.96
CA MET A 316 7.25 -25.93 3.35
C MET A 316 6.59 -27.14 2.67
N PHE A 317 5.79 -27.90 3.41
CA PHE A 317 5.20 -29.11 2.87
C PHE A 317 4.34 -28.83 1.64
N ASP A 318 3.70 -27.68 1.60
CA ASP A 318 2.82 -27.41 0.47
C ASP A 318 3.55 -26.81 -0.74
N GLN A 319 4.68 -26.14 -0.55
CA GLN A 319 5.32 -25.42 -1.64
C GLN A 319 6.50 -26.16 -2.28
N VAL A 320 7.02 -27.21 -1.67
CA VAL A 320 8.20 -27.87 -2.23
C VAL A 320 7.82 -29.00 -3.19
N THR A 321 8.82 -29.55 -3.88
CA THR A 321 8.64 -30.74 -4.72
C THR A 321 8.43 -31.99 -3.86
N SER A 322 7.82 -33.02 -4.47
CA SER A 322 7.71 -34.32 -3.81
C SER A 322 9.09 -34.83 -3.40
N GLU A 323 10.08 -34.64 -4.25
CA GLU A 323 11.44 -35.04 -3.91
C GLU A 323 11.93 -34.30 -2.66
N GLN A 324 11.71 -32.98 -2.59
CA GLN A 324 12.09 -32.26 -1.38
C GLN A 324 11.22 -32.64 -0.19
N ARG A 325 9.94 -32.99 -0.43
CA ARG A 325 9.09 -33.46 0.65
C ARG A 325 9.59 -34.77 1.26
N ARG A 326 10.20 -35.65 0.44
CA ARG A 326 10.69 -36.93 0.93
C ARG A 326 11.59 -36.77 2.14
N GLU A 327 12.53 -35.85 2.05
CA GLU A 327 13.46 -35.62 3.16
C GLU A 327 12.72 -35.12 4.39
N LEU A 328 11.74 -34.22 4.20
CA LEU A 328 10.97 -33.71 5.34
C LEU A 328 10.16 -34.82 5.99
N ILE A 329 9.60 -35.73 5.19
CA ILE A 329 8.84 -36.85 5.72
C ILE A 329 9.74 -37.81 6.49
N LEU A 330 10.90 -38.15 5.90
CA LEU A 330 11.79 -39.07 6.59
C LEU A 330 12.30 -38.46 7.90
N THR A 331 12.56 -37.16 7.91
CA THR A 331 13.11 -36.52 9.10
C THR A 331 12.07 -36.40 10.19
N VAL A 332 10.81 -36.15 9.82
CA VAL A 332 9.78 -35.88 10.81
C VAL A 332 9.17 -37.17 11.37
N ARG A 333 9.07 -38.22 10.54
CA ARG A 333 8.15 -39.32 10.85
C ARG A 333 8.44 -40.00 12.19
N PRO A 334 9.69 -40.35 12.54
CA PRO A 334 9.96 -40.84 13.90
C PRO A 334 9.23 -40.08 15.00
N HIS A 335 9.28 -38.75 14.94
CA HIS A 335 8.83 -37.92 16.05
C HIS A 335 7.32 -37.68 16.05
N ILE A 336 6.55 -38.32 15.17
CA ILE A 336 5.13 -37.99 15.06
C ILE A 336 4.35 -38.25 16.33
N PRO A 337 4.58 -39.33 17.10
CA PRO A 337 3.75 -39.51 18.31
C PRO A 337 3.99 -38.42 19.35
N VAL A 338 5.25 -38.06 19.58
CA VAL A 338 5.58 -37.06 20.60
C VAL A 338 4.92 -35.73 20.27
N LEU A 339 4.84 -35.38 18.99
CA LEU A 339 4.24 -34.12 18.60
C LEU A 339 2.73 -34.12 18.80
N ARG A 340 2.12 -35.31 18.96
CA ARG A 340 0.69 -35.40 19.21
C ARG A 340 0.28 -34.74 20.53
N GLN A 341 1.19 -34.65 21.49
CA GLN A 341 0.83 -34.24 22.85
C GLN A 341 0.65 -32.72 22.96
N PHE A 342 1.65 -31.96 22.55
CA PHE A 342 1.69 -30.52 22.82
C PHE A 342 0.46 -29.82 22.23
N PRO A 343 0.07 -28.66 22.78
CA PRO A 343 -1.20 -28.05 22.36
C PRO A 343 -1.19 -27.67 20.88
N HIS A 344 -2.29 -28.01 20.21
CA HIS A 344 -2.50 -27.90 18.76
C HIS A 344 -1.60 -28.87 18.01
N GLY A 345 -0.75 -29.61 18.73
CA GLY A 345 0.12 -30.58 18.09
C GLY A 345 -0.66 -31.60 17.29
N LYS A 346 -1.84 -31.98 17.78
CA LYS A 346 -2.75 -32.79 16.97
C LYS A 346 -3.11 -32.07 15.68
N HIS A 347 -3.78 -30.92 15.79
CA HIS A 347 -4.25 -30.20 14.62
C HIS A 347 -3.14 -29.85 13.63
N ILE A 348 -1.90 -29.75 14.11
CA ILE A 348 -0.80 -29.37 13.22
C ILE A 348 -0.50 -30.49 12.23
N LEU A 349 -0.38 -31.72 12.72
CA LEU A 349 -0.16 -32.87 11.84
C LEU A 349 -1.44 -33.36 11.19
N ALA A 350 -2.61 -32.93 11.70
CA ALA A 350 -3.85 -33.15 10.97
C ALA A 350 -3.71 -32.66 9.53
N LYS A 351 -3.40 -31.38 9.36
CA LYS A 351 -3.18 -30.80 8.04
C LYS A 351 -1.93 -31.32 7.36
N LEU A 352 -1.20 -32.26 7.95
CA LEU A 352 -0.12 -32.92 7.24
C LEU A 352 -0.36 -34.40 6.96
N GLU A 353 -1.48 -34.96 7.44
CA GLU A 353 -1.73 -36.40 7.31
C GLU A 353 -1.82 -36.83 5.85
N LYS A 354 -1.98 -35.88 4.94
CA LYS A 354 -2.00 -36.15 3.50
C LYS A 354 -0.62 -36.48 2.94
N TYR A 355 0.45 -36.28 3.71
CA TYR A 355 1.79 -36.64 3.28
C TYR A 355 2.39 -37.75 4.13
N PHE A 356 1.67 -38.24 5.13
CA PHE A 356 2.12 -39.41 5.86
C PHE A 356 1.17 -40.58 5.68
N GLN A 357 0.17 -40.42 4.80
CA GLN A 357 -0.69 -41.50 4.35
C GLN A 357 0.11 -42.74 3.96
CL CL C . 24.30 3.00 6.13
#